data_6ANJ
#
_entry.id   6ANJ
#
_cell.length_a   55.302
_cell.length_b   55.302
_cell.length_c   89.805
_cell.angle_alpha   90.000
_cell.angle_beta   90.000
_cell.angle_gamma   120.000
#
_symmetry.space_group_name_H-M   'P 65'
#
loop_
_entity.id
_entity.type
_entity.pdbx_description
1 polymer Synaptotagmin-7
2 non-polymer 'CALCIUM ION'
3 non-polymer 'TERTIARY-BUTYL ALCOHOL'
4 non-polymer 'ACETATE ION'
5 water water
#
_entity_poly.entity_id   1
_entity_poly.type   'polypeptide(L)'
_entity_poly.pdbx_seq_one_letter_code
;GSPGISGGGGGILDSMGRLENLGRIQFSVGYNFQESTLTVKVMKAQELPAKDFSGTSDPFVKIYLLPDKKHKLETKVKRK
NLNPHWNETFLFEGFPYEKVVQRILYLQVLDYDRFSRNDPIGEVSIPLNKVDLTQMQTFWKDLKPCSD
;
_entity_poly.pdbx_strand_id   A
#
# COMPACT_ATOMS: atom_id res chain seq x y z
N GLY A 11 8.79 14.50 -24.57
CA GLY A 11 8.75 15.91 -24.09
C GLY A 11 7.34 16.44 -23.87
N ILE A 12 6.36 15.54 -23.98
CA ILE A 12 4.95 15.86 -23.77
C ILE A 12 4.46 15.30 -22.44
N LEU A 13 4.70 14.02 -22.21
CA LEU A 13 4.34 13.36 -20.96
C LEU A 13 5.40 12.31 -20.66
N ASP A 14 5.28 11.68 -19.49
CA ASP A 14 6.25 10.67 -19.08
C ASP A 14 6.00 9.34 -19.79
N SER A 15 4.75 8.89 -19.81
CA SER A 15 4.45 7.57 -20.35
C SER A 15 2.98 7.52 -20.73
N MET A 16 2.66 6.65 -21.70
CA MET A 16 1.28 6.40 -22.07
C MET A 16 1.13 4.93 -22.45
N GLY A 17 0.07 4.30 -21.96
CA GLY A 17 -0.14 2.90 -22.29
C GLY A 17 -1.28 2.31 -21.49
N ARG A 18 -1.58 1.05 -21.82
CA ARG A 18 -2.63 0.31 -21.12
C ARG A 18 -2.16 -0.08 -19.73
N LEU A 19 -3.07 0.03 -18.77
CA LEU A 19 -2.85 -0.40 -17.40
C LEU A 19 -3.44 -1.79 -17.21
N GLU A 20 -2.60 -2.76 -16.85
CA GLU A 20 -3.07 -4.08 -16.48
C GLU A 20 -4.08 -3.97 -15.34
N ASN A 21 -5.17 -4.74 -15.43
CA ASN A 21 -6.24 -4.70 -14.43
C ASN A 21 -5.82 -5.53 -13.22
N LEU A 22 -5.20 -4.87 -12.26
CA LEU A 22 -4.72 -5.52 -11.03
C LEU A 22 -5.52 -5.12 -9.81
N GLY A 23 -6.63 -4.41 -9.99
CA GLY A 23 -7.41 -3.92 -8.87
C GLY A 23 -6.97 -2.56 -8.40
N ARG A 24 -7.53 -2.15 -7.27
CA ARG A 24 -7.28 -0.84 -6.70
C ARG A 24 -7.35 -0.94 -5.19
N ILE A 25 -6.69 0.01 -4.52
CA ILE A 25 -6.56 -0.03 -3.06
C ILE A 25 -6.85 1.36 -2.51
N GLN A 26 -7.48 1.39 -1.34
CA GLN A 26 -7.83 2.62 -0.64
C GLN A 26 -7.05 2.69 0.67
N PHE A 27 -6.49 3.86 0.96
CA PHE A 27 -5.68 4.04 2.15
C PHE A 27 -5.73 5.50 2.56
N SER A 28 -5.32 5.77 3.79
CA SER A 28 -5.29 7.14 4.28
C SER A 28 -3.99 7.36 5.04
N VAL A 29 -3.58 8.63 5.11
CA VAL A 29 -2.33 8.99 5.77
C VAL A 29 -2.48 10.40 6.35
N GLY A 30 -1.85 10.61 7.50
CA GLY A 30 -1.86 11.91 8.14
C GLY A 30 -0.88 11.92 9.28
N TYR A 31 -0.55 13.13 9.73
CA TYR A 31 0.45 13.34 10.77
C TYR A 31 -0.15 14.10 11.94
N ASN A 32 0.20 13.67 13.16
CA ASN A 32 -0.18 14.33 14.39
C ASN A 32 1.06 15.02 14.96
N PHE A 33 1.03 16.35 15.01
CA PHE A 33 2.22 17.11 15.37
C PHE A 33 2.49 17.07 16.87
N GLN A 34 1.46 16.98 17.70
CA GLN A 34 1.70 16.89 19.14
C GLN A 34 2.36 15.56 19.51
N GLU A 35 1.95 14.47 18.86
CA GLU A 35 2.51 13.15 19.09
C GLU A 35 3.73 12.85 18.22
N SER A 36 4.02 13.69 17.23
CA SER A 36 5.04 13.39 16.21
C SER A 36 4.85 11.99 15.66
N THR A 37 3.62 11.70 15.24
CA THR A 37 3.22 10.37 14.81
C THR A 37 2.56 10.43 13.44
N LEU A 38 3.04 9.58 12.54
CA LEU A 38 2.43 9.39 11.24
C LEU A 38 1.48 8.20 11.29
N THR A 39 0.25 8.40 10.83
CA THR A 39 -0.75 7.35 10.75
C THR A 39 -0.94 6.95 9.30
N VAL A 40 -0.90 5.65 9.04
CA VAL A 40 -1.26 5.08 7.74
C VAL A 40 -2.34 4.04 7.98
N LYS A 41 -3.49 4.21 7.34
CA LYS A 41 -4.58 3.24 7.42
CA LYS A 41 -4.58 3.24 7.42
C LYS A 41 -4.71 2.54 6.07
N VAL A 42 -4.56 1.22 6.08
CA VAL A 42 -4.80 0.43 4.88
C VAL A 42 -6.25 -0.06 4.99
N MET A 43 -7.11 0.46 4.11
CA MET A 43 -8.56 0.32 4.29
C MET A 43 -9.08 -0.92 3.57
N LYS A 44 -9.03 -0.92 2.24
CA LYS A 44 -9.61 -2.03 1.51
C LYS A 44 -9.06 -2.05 0.09
N ALA A 45 -9.26 -3.18 -0.58
CA ALA A 45 -8.92 -3.31 -1.99
C ALA A 45 -10.10 -3.91 -2.74
N GLN A 46 -10.12 -3.68 -4.05
CA GLN A 46 -11.22 -4.13 -4.89
C GLN A 46 -10.69 -4.73 -6.18
N GLU A 47 -11.36 -5.79 -6.63
CA GLU A 47 -11.11 -6.39 -7.94
C GLU A 47 -9.67 -6.89 -8.08
N LEU A 48 -9.15 -7.49 -7.01
CA LEU A 48 -7.84 -8.11 -7.09
C LEU A 48 -7.91 -9.37 -7.96
N PRO A 49 -6.83 -9.69 -8.67
CA PRO A 49 -6.83 -10.92 -9.47
C PRO A 49 -6.69 -12.16 -8.62
N ALA A 50 -7.18 -13.28 -9.14
CA ALA A 50 -6.95 -14.57 -8.52
C ALA A 50 -5.52 -15.01 -8.77
N LYS A 51 -4.83 -15.41 -7.70
CA LYS A 51 -3.45 -15.86 -7.78
C LYS A 51 -3.28 -17.28 -7.23
N ASP A 52 -4.39 -18.00 -7.00
CA ASP A 52 -4.37 -19.39 -6.59
C ASP A 52 -5.23 -20.20 -7.54
N PHE A 53 -4.87 -21.47 -7.72
CA PHE A 53 -5.66 -22.34 -8.59
C PHE A 53 -7.05 -22.60 -8.02
N SER A 54 -7.29 -22.27 -6.76
CA SER A 54 -8.64 -22.36 -6.21
C SER A 54 -9.57 -21.29 -6.78
N GLY A 55 -9.02 -20.26 -7.43
CA GLY A 55 -9.83 -19.19 -7.97
C GLY A 55 -9.95 -17.97 -7.10
N THR A 56 -9.21 -17.90 -6.00
CA THR A 56 -9.17 -16.69 -5.18
C THR A 56 -7.72 -16.29 -4.92
N SER A 57 -7.53 -15.36 -3.99
CA SER A 57 -6.21 -14.99 -3.47
C SER A 57 -6.35 -14.78 -1.97
N ASP A 58 -5.21 -14.69 -1.30
CA ASP A 58 -5.13 -14.48 0.14
C ASP A 58 -4.32 -13.20 0.36
N PRO A 59 -4.92 -12.03 0.15
CA PRO A 59 -4.12 -10.80 0.06
C PRO A 59 -3.70 -10.23 1.40
N PHE A 60 -2.49 -9.67 1.41
CA PHE A 60 -2.00 -8.83 2.48
C PHE A 60 -1.16 -7.72 1.84
N VAL A 61 -0.86 -6.69 2.64
CA VAL A 61 -0.18 -5.50 2.14
C VAL A 61 1.08 -5.29 2.98
N LYS A 62 2.19 -5.04 2.30
CA LYS A 62 3.41 -4.60 2.94
C LYS A 62 3.49 -3.07 2.83
N ILE A 63 3.86 -2.43 3.92
CA ILE A 63 3.91 -0.97 4.01
C ILE A 63 5.35 -0.55 4.22
N TYR A 64 5.88 0.24 3.30
CA TYR A 64 7.22 0.80 3.36
C TYR A 64 7.17 2.32 3.32
N LEU A 65 8.15 2.95 3.96
CA LEU A 65 8.39 4.38 3.79
C LEU A 65 9.73 4.50 3.08
N LEU A 66 9.69 4.45 1.76
CA LEU A 66 10.90 4.54 0.96
C LEU A 66 11.60 5.87 1.24
N PRO A 67 12.94 5.91 1.17
CA PRO A 67 13.84 4.87 0.67
C PRO A 67 14.24 3.78 1.66
N ASP A 68 13.55 3.66 2.80
CA ASP A 68 13.81 2.57 3.71
C ASP A 68 13.20 1.29 3.13
N LYS A 69 14.06 0.41 2.61
CA LYS A 69 13.64 -0.87 2.06
C LYS A 69 13.75 -2.01 3.05
N LYS A 70 14.17 -1.74 4.29
CA LYS A 70 14.43 -2.79 5.27
C LYS A 70 13.29 -2.95 6.27
N HIS A 71 12.76 -1.85 6.79
CA HIS A 71 11.79 -1.89 7.88
C HIS A 71 10.39 -1.68 7.30
N LYS A 72 9.55 -2.69 7.43
CA LYS A 72 8.21 -2.65 6.87
C LYS A 72 7.21 -3.08 7.92
N LEU A 73 5.95 -2.71 7.68
CA LEU A 73 4.81 -3.25 8.39
C LEU A 73 3.96 -4.05 7.42
N GLU A 74 3.08 -4.89 7.96
CA GLU A 74 2.23 -5.74 7.14
C GLU A 74 0.82 -5.79 7.71
N THR A 75 -0.17 -5.82 6.82
CA THR A 75 -1.52 -6.14 7.25
C THR A 75 -1.64 -7.64 7.52
N LYS A 76 -2.78 -8.01 8.10
CA LYS A 76 -3.16 -9.41 8.18
C LYS A 76 -3.50 -9.95 6.80
N VAL A 77 -3.48 -11.26 6.67
CA VAL A 77 -3.91 -11.95 5.45
C VAL A 77 -5.41 -12.16 5.53
N LYS A 78 -6.12 -11.80 4.46
CA LYS A 78 -7.53 -12.11 4.33
C LYS A 78 -7.67 -13.34 3.43
N ARG A 79 -8.11 -14.45 4.00
CA ARG A 79 -8.22 -15.70 3.25
C ARG A 79 -9.27 -15.60 2.16
N LYS A 80 -8.92 -16.08 0.97
CA LYS A 80 -9.87 -16.32 -0.13
C LYS A 80 -10.78 -15.13 -0.36
N ASN A 81 -10.17 -13.98 -0.68
CA ASN A 81 -10.89 -12.71 -0.71
C ASN A 81 -10.24 -11.80 -1.73
N LEU A 82 -10.94 -11.53 -2.83
CA LEU A 82 -10.45 -10.63 -3.85
C LEU A 82 -10.89 -9.19 -3.65
N ASN A 83 -11.70 -8.92 -2.62
CA ASN A 83 -12.14 -7.58 -2.27
C ASN A 83 -11.97 -7.36 -0.78
N PRO A 84 -10.74 -7.45 -0.28
CA PRO A 84 -10.52 -7.44 1.17
C PRO A 84 -10.74 -6.08 1.80
N HIS A 85 -11.27 -6.09 3.02
CA HIS A 85 -11.37 -4.93 3.90
C HIS A 85 -10.44 -5.18 5.08
N TRP A 86 -9.24 -4.60 5.05
CA TRP A 86 -8.35 -4.73 6.21
C TRP A 86 -8.73 -3.76 7.32
N ASN A 87 -9.00 -2.51 6.97
CA ASN A 87 -9.25 -1.44 7.94
C ASN A 87 -8.26 -1.51 9.10
N GLU A 88 -6.98 -1.57 8.75
CA GLU A 88 -5.91 -1.66 9.74
C GLU A 88 -5.18 -0.33 9.81
N THR A 89 -4.96 0.15 11.03
CA THR A 89 -4.25 1.39 11.28
C THR A 89 -2.83 1.10 11.75
N PHE A 90 -1.86 1.79 11.16
CA PHE A 90 -0.46 1.66 11.53
C PHE A 90 0.08 3.00 11.99
N LEU A 91 0.84 2.99 13.08
CA LEU A 91 1.45 4.20 13.62
C LEU A 91 2.96 4.14 13.49
N PHE A 92 3.52 5.25 13.05
CA PHE A 92 4.96 5.50 13.08
C PHE A 92 5.13 6.60 14.11
N GLU A 93 5.42 6.21 15.35
CA GLU A 93 5.33 7.09 16.50
C GLU A 93 6.68 7.71 16.83
N GLY A 94 6.67 8.98 17.20
CA GLY A 94 7.92 9.66 17.48
C GLY A 94 8.80 9.73 16.25
N PHE A 95 8.20 9.95 15.09
CA PHE A 95 8.90 10.02 13.82
C PHE A 95 8.98 11.47 13.42
N PRO A 96 10.15 12.12 13.50
CA PRO A 96 10.21 13.57 13.29
C PRO A 96 9.64 13.99 11.95
N TYR A 97 8.88 15.09 11.98
CA TYR A 97 8.20 15.58 10.78
C TYR A 97 9.18 15.87 9.66
N GLU A 98 10.36 16.38 9.98
CA GLU A 98 11.33 16.70 8.95
C GLU A 98 11.83 15.46 8.22
N LYS A 99 11.74 14.28 8.84
CA LYS A 99 12.06 13.04 8.15
C LYS A 99 10.85 12.53 7.37
N VAL A 100 9.65 12.69 7.93
CA VAL A 100 8.42 12.21 7.30
C VAL A 100 8.31 12.73 5.86
N VAL A 101 8.54 14.04 5.68
CA VAL A 101 8.30 14.63 4.38
C VAL A 101 9.30 14.18 3.33
N GLN A 102 10.34 13.48 3.73
CA GLN A 102 11.34 12.95 2.80
C GLN A 102 11.01 11.53 2.33
N ARG A 103 9.90 10.96 2.77
CA ARG A 103 9.60 9.57 2.46
C ARG A 103 8.52 9.45 1.39
N ILE A 104 8.52 8.29 0.75
CA ILE A 104 7.46 7.89 -0.17
C ILE A 104 6.72 6.72 0.45
N LEU A 105 5.43 6.90 0.71
CA LEU A 105 4.59 5.79 1.16
C LEU A 105 4.42 4.80 0.03
N TYR A 106 4.80 3.54 0.27
CA TYR A 106 4.79 2.51 -0.74
C TYR A 106 4.02 1.31 -0.19
N LEU A 107 3.00 0.87 -0.93
CA LEU A 107 2.19 -0.28 -0.55
C LEU A 107 2.34 -1.36 -1.60
N GLN A 108 2.64 -2.59 -1.15
CA GLN A 108 2.74 -3.74 -2.04
C GLN A 108 1.73 -4.79 -1.58
N VAL A 109 0.86 -5.20 -2.51
CA VAL A 109 -0.16 -6.21 -2.24
C VAL A 109 0.34 -7.55 -2.78
N LEU A 110 0.22 -8.60 -1.97
CA LEU A 110 0.68 -9.93 -2.32
C LEU A 110 -0.35 -10.97 -1.95
N ASP A 111 -0.29 -12.11 -2.63
CA ASP A 111 -1.07 -13.29 -2.29
C ASP A 111 -0.23 -14.23 -1.44
N TYR A 112 -0.67 -14.49 -0.22
CA TYR A 112 0.01 -15.42 0.66
C TYR A 112 -0.17 -16.86 0.15
N ASP A 113 0.94 -17.60 0.07
CA ASP A 113 0.91 -19.01 -0.32
C ASP A 113 1.55 -19.88 0.76
N ARG A 114 1.18 -21.16 0.76
CA ARG A 114 1.66 -22.15 1.73
C ARG A 114 2.81 -23.00 1.20
N PHE A 115 2.77 -23.36 -0.08
CA PHE A 115 3.68 -24.35 -0.65
C PHE A 115 4.61 -23.77 -1.70
N SER A 116 4.58 -22.45 -1.88
CA SER A 116 5.51 -21.73 -2.74
C SER A 116 5.64 -20.32 -2.18
N ARG A 117 6.47 -19.51 -2.84
CA ARG A 117 6.63 -18.14 -2.42
C ARG A 117 5.33 -17.36 -2.61
N ASN A 118 5.15 -16.33 -1.79
CA ASN A 118 4.02 -15.44 -1.97
C ASN A 118 4.06 -14.81 -3.35
N ASP A 119 2.88 -14.50 -3.89
CA ASP A 119 2.78 -13.98 -5.24
C ASP A 119 2.51 -12.48 -5.20
N PRO A 120 3.45 -11.64 -5.64
CA PRO A 120 3.13 -10.21 -5.71
C PRO A 120 1.98 -9.96 -6.67
N ILE A 121 1.11 -9.04 -6.29
CA ILE A 121 -0.02 -8.63 -7.12
C ILE A 121 0.25 -7.28 -7.76
N GLY A 122 0.54 -6.26 -6.96
CA GLY A 122 0.80 -4.94 -7.50
C GLY A 122 1.18 -3.99 -6.38
N GLU A 123 1.43 -2.74 -6.77
CA GLU A 123 1.96 -1.74 -5.86
C GLU A 123 1.32 -0.38 -6.15
N VAL A 124 1.36 0.49 -5.14
CA VAL A 124 1.04 1.91 -5.30
C VAL A 124 1.99 2.70 -4.42
N SER A 125 2.11 3.99 -4.70
CA SER A 125 2.95 4.83 -3.86
C SER A 125 2.51 6.28 -3.97
N ILE A 126 2.88 7.07 -2.98
CA ILE A 126 2.62 8.50 -2.97
C ILE A 126 3.73 9.20 -2.19
N PRO A 127 4.37 10.22 -2.74
CA PRO A 127 5.36 10.98 -1.96
C PRO A 127 4.64 11.79 -0.89
N LEU A 128 5.14 11.69 0.34
CA LEU A 128 4.47 12.39 1.42
C LEU A 128 4.66 13.90 1.33
N ASN A 129 5.66 14.37 0.58
CA ASN A 129 5.78 15.82 0.38
C ASN A 129 4.77 16.35 -0.63
N LYS A 130 3.90 15.50 -1.17
CA LYS A 130 2.79 15.95 -2.00
C LYS A 130 1.45 15.74 -1.32
N VAL A 131 1.45 15.46 -0.02
CA VAL A 131 0.25 15.26 0.77
C VAL A 131 0.18 16.34 1.84
N ASP A 132 -1.01 16.88 2.06
CA ASP A 132 -1.26 17.81 3.16
C ASP A 132 -1.54 16.96 4.40
N LEU A 133 -0.49 16.69 5.17
CA LEU A 133 -0.58 15.79 6.30
C LEU A 133 -1.21 16.41 7.54
N THR A 134 -1.61 17.69 7.49
CA THR A 134 -2.25 18.30 8.65
C THR A 134 -3.63 17.70 8.92
N GLN A 135 -4.20 16.97 7.96
CA GLN A 135 -5.42 16.22 8.14
C GLN A 135 -5.24 14.84 7.52
N MET A 136 -6.06 13.89 7.97
CA MET A 136 -6.06 12.57 7.36
C MET A 136 -6.55 12.67 5.92
N GLN A 137 -5.71 12.28 4.97
CA GLN A 137 -6.04 12.30 3.56
C GLN A 137 -6.25 10.87 3.06
N THR A 138 -7.35 10.65 2.34
CA THR A 138 -7.71 9.32 1.86
C THR A 138 -7.55 9.27 0.34
N PHE A 139 -7.00 8.16 -0.14
CA PHE A 139 -6.68 8.01 -1.56
C PHE A 139 -7.15 6.65 -2.08
N TRP A 140 -7.64 6.66 -3.32
CA TRP A 140 -7.77 5.46 -4.13
C TRP A 140 -6.68 5.46 -5.17
N LYS A 141 -6.01 4.32 -5.35
CA LYS A 141 -5.01 4.18 -6.40
C LYS A 141 -5.14 2.82 -7.07
N ASP A 142 -5.01 2.80 -8.39
CA ASP A 142 -4.97 1.55 -9.13
C ASP A 142 -3.61 0.88 -8.95
N LEU A 143 -3.64 -0.42 -8.64
CA LEU A 143 -2.39 -1.16 -8.48
C LEU A 143 -1.60 -1.17 -9.78
N LYS A 144 -0.30 -0.95 -9.66
CA LYS A 144 0.64 -1.02 -10.76
C LYS A 144 1.46 -2.29 -10.68
N PRO A 145 2.00 -2.77 -11.80
CA PRO A 145 2.85 -3.96 -11.74
C PRO A 145 4.07 -3.70 -10.88
N CYS A 146 4.37 -4.68 -10.03
N CYS A 146 4.51 -4.74 -10.15
CA CYS A 146 5.62 -4.73 -9.29
CA CYS A 146 5.69 -4.64 -9.28
C CYS A 146 6.37 -5.97 -9.73
C CYS A 146 6.83 -5.55 -9.72
N SER A 147 6.84 -5.96 -10.97
CA SER A 147 7.72 -7.00 -11.48
C SER A 147 9.12 -6.44 -11.77
N ASP A 148 10.12 -7.27 -11.57
CA ASP A 148 11.48 -6.99 -12.02
C ASP A 148 11.72 -7.71 -13.34
#